data_6A6X
#
_entry.id   6A6X
#
_cell.length_a   70.975
_cell.length_b   70.975
_cell.length_c   156.014
_cell.angle_alpha   90.00
_cell.angle_beta   90.00
_cell.angle_gamma   90.00
#
_symmetry.space_group_name_H-M   'P 41 21 2'
#
loop_
_entity.id
_entity.type
_entity.pdbx_description
1 polymer 'Probable endoribonuclease MazF7'
2 polymer 'Antitoxin MazE7'
3 non-polymer 'SULFATE ION'
4 water water
#
loop_
_entity_poly.entity_id
_entity_poly.type
_entity_poly.pdbx_seq_one_letter_code
_entity_poly.pdbx_strand_id
1 'polypeptide(L)'
;GPELMAEPRRGDLWLVSLGAARAGEPGKHRPAVVVSVDELLTGIDDELVVVVPVSSSRSRTPLRPPVAPSEGVAADSVAV
CRGVRAVARARLVERLGALKPATMRAIENALTLILGLPTGPERGEAATHSPVRWTGGRDP
;
A,B
2 'polypeptide(L)'
;GPSQDPMSTSTTIRVSTQTRDRLAAQARERGISMSALLTELAAQAERQAIFRAEREASHAETTTQAVRDEDREWEGTVGD
GLG
;
C,D
#
loop_
_chem_comp.id
_chem_comp.type
_chem_comp.name
_chem_comp.formula
SO4 non-polymer 'SULFATE ION' 'O4 S -2'
#
# COMPACT_ATOMS: atom_id res chain seq x y z
N GLY A 1 8.28 -8.21 12.45
CA GLY A 1 8.03 -9.16 11.38
C GLY A 1 6.55 -9.42 11.11
N PRO A 2 6.17 -9.48 9.83
CA PRO A 2 4.76 -9.62 9.50
C PRO A 2 4.24 -11.03 9.73
N GLU A 3 2.96 -11.11 10.09
CA GLU A 3 2.27 -12.39 10.26
C GLU A 3 1.56 -12.74 8.97
N LEU A 4 1.94 -13.86 8.36
CA LEU A 4 1.29 -14.37 7.16
C LEU A 4 0.36 -15.53 7.46
N MET A 5 0.34 -16.02 8.71
CA MET A 5 -0.22 -17.34 9.01
C MET A 5 -1.75 -17.33 8.99
N ALA A 6 -2.37 -16.53 9.85
CA ALA A 6 -3.83 -16.42 9.88
C ALA A 6 -4.31 -15.19 9.14
N GLU A 7 -3.47 -14.53 8.43
CA GLU A 7 -3.89 -13.27 7.88
C GLU A 7 -4.25 -13.41 6.40
N PRO A 8 -5.20 -12.61 5.92
CA PRO A 8 -5.48 -12.59 4.48
C PRO A 8 -4.23 -12.27 3.69
N ARG A 9 -4.15 -12.79 2.48
CA ARG A 9 -2.99 -12.56 1.63
C ARG A 9 -3.45 -11.85 0.37
N ARG A 10 -2.58 -10.98 -0.14
CA ARG A 10 -2.95 -10.16 -1.29
C ARG A 10 -3.25 -11.06 -2.47
N GLY A 11 -4.27 -10.68 -3.25
CA GLY A 11 -4.76 -11.53 -4.31
C GLY A 11 -5.81 -12.55 -3.89
N ASP A 12 -6.01 -12.75 -2.60
CA ASP A 12 -7.07 -13.64 -2.16
C ASP A 12 -8.42 -12.96 -2.28
N LEU A 13 -9.45 -13.79 -2.43
CA LEU A 13 -10.83 -13.36 -2.31
C LEU A 13 -11.37 -13.85 -0.96
N TRP A 14 -11.85 -12.90 -0.16
CA TRP A 14 -12.32 -13.12 1.20
C TRP A 14 -13.77 -12.67 1.31
N LEU A 15 -14.51 -13.28 2.22
CA LEU A 15 -15.83 -12.78 2.59
C LEU A 15 -15.65 -11.72 3.66
N VAL A 16 -16.19 -10.53 3.41
CA VAL A 16 -16.03 -9.35 4.26
C VAL A 16 -17.39 -9.00 4.85
N SER A 17 -17.42 -8.68 6.12
CA SER A 17 -18.65 -8.19 6.73
C SER A 17 -18.62 -6.68 6.70
N LEU A 18 -19.65 -6.07 6.11
CA LEU A 18 -19.68 -4.61 6.03
C LEU A 18 -20.83 -4.06 6.85
N GLY A 19 -20.90 -4.45 8.12
CA GLY A 19 -21.89 -3.95 9.05
C GLY A 19 -21.41 -2.66 9.70
N ALA A 20 -21.32 -2.56 11.04
CA ALA A 20 -21.64 -3.59 12.05
C ALA A 20 -20.87 -4.91 11.86
N LYS A 28 -24.72 -9.38 6.00
CA LYS A 28 -24.33 -8.23 5.19
C LYS A 28 -22.90 -8.36 4.70
N HIS A 29 -22.56 -9.57 4.28
CA HIS A 29 -21.22 -9.85 3.83
C HIS A 29 -21.16 -9.77 2.32
N ARG A 30 -19.95 -9.51 1.81
CA ARG A 30 -19.66 -9.43 0.39
C ARG A 30 -18.25 -9.95 0.16
N PRO A 31 -18.01 -10.60 -0.98
CA PRO A 31 -16.63 -10.98 -1.29
C PRO A 31 -15.86 -9.75 -1.73
N ALA A 32 -14.55 -9.82 -1.51
CA ALA A 32 -13.66 -8.72 -1.84
C ALA A 32 -12.26 -9.26 -2.08
N VAL A 33 -11.48 -8.50 -2.84
CA VAL A 33 -10.11 -8.85 -3.18
C VAL A 33 -9.18 -8.11 -2.25
N VAL A 34 -8.28 -8.85 -1.59
CA VAL A 34 -7.25 -8.19 -0.78
C VAL A 34 -6.21 -7.58 -1.72
N VAL A 35 -6.00 -6.28 -1.60
CA VAL A 35 -5.07 -5.57 -2.47
C VAL A 35 -3.94 -4.89 -1.72
N SER A 36 -4.00 -4.80 -0.39
CA SER A 36 -2.85 -4.30 0.34
C SER A 36 -1.82 -5.42 0.49
N VAL A 37 -0.54 -5.02 0.59
CA VAL A 37 0.54 -6.00 0.63
C VAL A 37 0.55 -6.68 1.99
N ASP A 38 1.09 -7.90 2.04
CA ASP A 38 1.06 -8.67 3.28
C ASP A 38 2.09 -8.18 4.28
N GLU A 39 3.08 -7.39 3.84
CA GLU A 39 4.05 -6.84 4.78
C GLU A 39 3.44 -5.85 5.77
N LEU A 40 2.20 -5.40 5.54
CA LEU A 40 1.53 -4.51 6.49
C LEU A 40 0.93 -5.24 7.68
N LEU A 41 0.71 -6.54 7.56
CA LEU A 41 -0.02 -7.30 8.56
C LEU A 41 0.84 -7.61 9.79
N THR A 42 0.26 -7.46 10.97
CA THR A 42 0.92 -7.80 12.22
C THR A 42 0.14 -8.82 13.03
N GLY A 43 -0.95 -9.34 12.47
CA GLY A 43 -1.72 -10.37 13.13
C GLY A 43 -2.65 -9.87 14.21
N ILE A 44 -2.87 -8.56 14.29
CA ILE A 44 -3.80 -7.99 15.24
C ILE A 44 -5.10 -7.64 14.52
N ASP A 45 -6.17 -7.51 15.29
CA ASP A 45 -7.52 -7.40 14.73
C ASP A 45 -7.87 -5.99 14.23
N ASP A 46 -7.35 -4.93 14.85
CA ASP A 46 -7.76 -3.58 14.47
C ASP A 46 -7.03 -3.05 13.23
N GLU A 47 -6.01 -3.74 12.73
CA GLU A 47 -5.26 -3.21 11.60
C GLU A 47 -6.09 -3.23 10.32
N LEU A 48 -5.79 -2.27 9.44
CA LEU A 48 -6.56 -2.06 8.22
C LEU A 48 -5.96 -2.86 7.07
N VAL A 49 -6.83 -3.58 6.36
CA VAL A 49 -6.53 -4.32 5.14
C VAL A 49 -7.35 -3.69 4.02
N VAL A 50 -6.69 -3.35 2.92
CA VAL A 50 -7.35 -2.64 1.83
C VAL A 50 -7.92 -3.68 0.87
N VAL A 51 -9.21 -3.56 0.55
CA VAL A 51 -9.91 -4.53 -0.26
C VAL A 51 -10.69 -3.82 -1.35
N VAL A 52 -11.01 -4.59 -2.40
CA VAL A 52 -11.84 -4.15 -3.51
C VAL A 52 -13.13 -4.96 -3.48
N PRO A 53 -14.27 -4.34 -3.25
CA PRO A 53 -15.53 -5.12 -3.17
C PRO A 53 -15.85 -5.77 -4.50
N VAL A 54 -16.39 -6.98 -4.42
CA VAL A 54 -16.78 -7.74 -5.60
C VAL A 54 -18.30 -7.80 -5.66
N SER A 55 -18.87 -7.46 -6.82
CA SER A 55 -20.31 -7.42 -7.00
C SER A 55 -20.71 -8.36 -8.12
N SER A 56 -21.82 -9.08 -7.90
CA SER A 56 -22.41 -9.96 -8.90
C SER A 56 -23.59 -9.32 -9.61
N SER A 57 -23.94 -8.08 -9.28
CA SER A 57 -25.11 -7.43 -9.86
C SER A 57 -24.78 -6.19 -10.66
N ARG A 58 -23.61 -5.58 -10.48
CA ARG A 58 -23.25 -4.42 -11.26
C ARG A 58 -22.68 -4.83 -12.61
N SER A 59 -22.93 -4.01 -13.62
CA SER A 59 -22.49 -4.32 -14.97
C SER A 59 -20.98 -4.18 -15.05
N ARG A 60 -20.40 -4.90 -16.00
CA ARG A 60 -18.96 -4.91 -16.15
C ARG A 60 -18.50 -3.70 -16.96
N THR A 61 -17.39 -3.12 -16.54
CA THR A 61 -16.77 -1.97 -17.17
C THR A 61 -15.26 -2.16 -17.10
N PRO A 62 -14.49 -1.39 -17.89
CA PRO A 62 -13.03 -1.53 -17.82
C PRO A 62 -12.46 -1.34 -16.43
N LEU A 63 -13.03 -0.47 -15.61
CA LEU A 63 -12.56 -0.28 -14.24
C LEU A 63 -13.15 -1.28 -13.26
N ARG A 64 -13.93 -2.25 -13.75
CA ARG A 64 -14.51 -3.31 -12.92
C ARG A 64 -14.14 -4.65 -13.55
N PRO A 65 -12.90 -5.10 -13.37
CA PRO A 65 -12.48 -6.36 -14.02
C PRO A 65 -13.30 -7.52 -13.51
N PRO A 66 -13.61 -8.49 -14.37
CA PRO A 66 -14.47 -9.60 -13.96
C PRO A 66 -13.75 -10.60 -13.08
N VAL A 67 -14.52 -11.26 -12.23
CA VAL A 67 -14.04 -12.29 -11.32
C VAL A 67 -14.86 -13.55 -11.57
N ALA A 68 -14.17 -14.64 -11.79
CA ALA A 68 -14.74 -15.91 -12.23
C ALA A 68 -14.92 -16.85 -11.06
N PRO A 69 -15.83 -17.83 -11.19
CA PRO A 69 -15.97 -18.83 -10.11
C PRO A 69 -14.68 -19.56 -9.79
N SER A 70 -13.78 -19.72 -10.77
CA SER A 70 -12.48 -20.32 -10.48
C SER A 70 -11.67 -19.48 -9.50
N GLU A 71 -12.05 -18.23 -9.25
CA GLU A 71 -11.35 -17.37 -8.32
C GLU A 71 -12.07 -17.21 -6.99
N GLY A 72 -13.21 -17.88 -6.80
CA GLY A 72 -13.84 -17.96 -5.49
C GLY A 72 -15.29 -17.50 -5.43
N VAL A 73 -15.82 -16.84 -6.45
CA VAL A 73 -17.20 -16.38 -6.41
C VAL A 73 -18.15 -17.51 -6.79
N ALA A 74 -19.42 -17.35 -6.43
CA ALA A 74 -20.42 -18.33 -6.80
C ALA A 74 -20.90 -18.14 -8.24
N ALA A 75 -20.94 -16.90 -8.71
CA ALA A 75 -21.30 -16.58 -10.09
C ALA A 75 -20.38 -15.46 -10.58
N ASP A 76 -20.26 -15.36 -11.90
CA ASP A 76 -19.54 -14.28 -12.56
C ASP A 76 -19.83 -12.93 -11.92
N SER A 77 -18.76 -12.23 -11.52
CA SER A 77 -18.88 -10.99 -10.77
C SER A 77 -17.89 -9.96 -11.30
N VAL A 78 -17.88 -8.78 -10.70
CA VAL A 78 -16.93 -7.74 -11.07
C VAL A 78 -16.29 -7.16 -9.80
N ALA A 79 -15.02 -6.77 -9.94
CA ALA A 79 -14.29 -6.14 -8.85
C ALA A 79 -14.43 -4.63 -9.00
N VAL A 80 -15.22 -4.03 -8.12
CA VAL A 80 -15.52 -2.61 -8.22
C VAL A 80 -14.36 -1.83 -7.63
N CYS A 81 -13.33 -1.60 -8.46
CA CYS A 81 -12.12 -0.98 -7.96
C CYS A 81 -12.37 0.44 -7.48
N ARG A 82 -13.39 1.11 -8.03
CA ARG A 82 -13.74 2.43 -7.53
C ARG A 82 -14.19 2.37 -6.08
N GLY A 83 -14.72 1.23 -5.64
CA GLY A 83 -15.14 1.02 -4.27
C GLY A 83 -14.07 0.57 -3.31
N VAL A 84 -12.79 0.62 -3.72
CA VAL A 84 -11.68 0.22 -2.87
C VAL A 84 -11.79 0.89 -1.50
N ARG A 85 -11.50 0.14 -0.44
CA ARG A 85 -11.60 0.70 0.91
C ARG A 85 -10.76 -0.10 1.89
N ALA A 86 -10.21 0.59 2.87
CA ALA A 86 -9.56 -0.06 4.00
C ALA A 86 -10.61 -0.53 5.00
N VAL A 87 -10.49 -1.78 5.45
CA VAL A 87 -11.40 -2.37 6.43
C VAL A 87 -10.58 -2.97 7.56
N ALA A 88 -11.19 -3.06 8.75
CA ALA A 88 -10.51 -3.70 9.86
C ALA A 88 -10.37 -5.20 9.56
N ARG A 89 -9.20 -5.75 9.86
CA ARG A 89 -8.95 -7.16 9.54
C ARG A 89 -9.99 -8.07 10.17
N ALA A 90 -10.65 -7.63 11.24
CA ALA A 90 -11.65 -8.46 11.89
C ALA A 90 -12.91 -8.63 11.06
N ARG A 91 -13.14 -7.79 10.04
CA ARG A 91 -14.32 -7.98 9.22
C ARG A 91 -14.11 -9.02 8.13
N LEU A 92 -12.90 -9.56 8.01
CA LEU A 92 -12.63 -10.62 7.05
C LEU A 92 -12.90 -11.94 7.75
N VAL A 93 -13.91 -12.66 7.29
CA VAL A 93 -14.40 -13.83 7.99
C VAL A 93 -13.79 -15.11 7.44
N GLU A 94 -13.86 -15.35 6.13
CA GLU A 94 -13.30 -16.58 5.59
C GLU A 94 -12.76 -16.36 4.18
N ARG A 95 -11.69 -17.09 3.87
CA ARG A 95 -11.12 -17.06 2.53
C ARG A 95 -12.00 -17.83 1.56
N LEU A 96 -12.34 -17.17 0.45
CA LEU A 96 -13.17 -17.74 -0.60
C LEU A 96 -12.37 -18.32 -1.75
N GLY A 97 -11.21 -17.75 -2.06
CA GLY A 97 -10.44 -18.25 -3.18
C GLY A 97 -9.24 -17.36 -3.47
N ALA A 98 -8.67 -17.54 -4.65
CA ALA A 98 -7.54 -16.75 -5.11
C ALA A 98 -7.77 -16.32 -6.55
N LEU A 99 -7.35 -15.09 -6.87
CA LEU A 99 -7.56 -14.54 -8.19
C LEU A 99 -6.45 -14.94 -9.15
N LYS A 100 -6.84 -15.22 -10.39
CA LYS A 100 -5.87 -15.41 -11.46
C LYS A 100 -4.94 -14.20 -11.51
N PRO A 101 -3.65 -14.40 -11.76
CA PRO A 101 -2.73 -13.25 -11.79
C PRO A 101 -3.13 -12.19 -12.80
N ALA A 102 -3.72 -12.58 -13.94
CA ALA A 102 -4.18 -11.58 -14.90
C ALA A 102 -5.27 -10.70 -14.32
N THR A 103 -6.15 -11.29 -13.50
CA THR A 103 -7.19 -10.50 -12.86
C THR A 103 -6.56 -9.45 -11.94
N MET A 104 -5.57 -9.87 -11.12
CA MET A 104 -4.89 -8.92 -10.25
C MET A 104 -4.21 -7.82 -11.05
N ARG A 105 -3.63 -8.16 -12.21
CA ARG A 105 -3.01 -7.12 -13.03
C ARG A 105 -4.05 -6.14 -13.56
N ALA A 106 -5.25 -6.63 -13.90
CA ALA A 106 -6.31 -5.72 -14.33
C ALA A 106 -6.78 -4.83 -13.19
N ILE A 107 -6.91 -5.39 -11.99
CA ILE A 107 -7.26 -4.60 -10.81
C ILE A 107 -6.20 -3.55 -10.54
N GLU A 108 -4.92 -3.91 -10.67
CA GLU A 108 -3.86 -2.94 -10.44
C GLU A 108 -3.92 -1.80 -11.44
N ASN A 109 -4.19 -2.11 -12.71
CA ASN A 109 -4.27 -1.04 -13.71
C ASN A 109 -5.50 -0.16 -13.48
N ALA A 110 -6.63 -0.76 -13.14
CA ALA A 110 -7.82 0.02 -12.82
C ALA A 110 -7.56 0.95 -11.64
N LEU A 111 -6.95 0.44 -10.57
CA LEU A 111 -6.63 1.29 -9.44
C LEU A 111 -5.66 2.40 -9.83
N THR A 112 -4.68 2.08 -10.69
CA THR A 112 -3.74 3.10 -11.12
C THR A 112 -4.46 4.24 -11.82
N LEU A 113 -5.43 3.91 -12.70
CA LEU A 113 -6.18 4.97 -13.36
C LEU A 113 -7.06 5.72 -12.38
N ILE A 114 -7.74 5.01 -11.49
CA ILE A 114 -8.68 5.63 -10.56
C ILE A 114 -7.97 6.63 -9.65
N LEU A 115 -6.78 6.28 -9.17
CA LEU A 115 -6.05 7.12 -8.22
C LEU A 115 -5.07 8.09 -8.88
N GLY A 116 -5.13 8.23 -10.20
CA GLY A 116 -4.22 9.16 -10.87
C GLY A 116 -2.76 8.84 -10.67
N LEU A 117 -2.43 7.59 -10.61
CA LEU A 117 -1.05 7.24 -10.40
C LEU A 117 -0.28 7.21 -11.71
N PRO A 118 0.99 7.58 -11.70
CA PRO A 118 1.77 7.57 -12.96
C PRO A 118 2.26 6.17 -13.35
N THR A 119 2.02 5.71 -14.58
CA THR A 119 1.11 6.32 -15.56
C THR A 119 0.54 5.18 -16.40
N LEU B 4 -27.18 21.10 -2.02
CA LEU B 4 -26.01 21.39 -2.83
C LEU B 4 -24.94 20.32 -2.67
N MET B 5 -24.52 19.75 -3.80
CA MET B 5 -23.55 18.65 -3.80
C MET B 5 -22.14 19.21 -3.98
N ALA B 6 -21.23 18.79 -3.10
CA ALA B 6 -19.86 19.24 -3.13
C ALA B 6 -19.23 18.99 -4.49
N GLU B 7 -18.28 19.85 -4.85
CA GLU B 7 -17.46 19.72 -6.06
C GLU B 7 -16.03 19.46 -5.63
N PRO B 8 -15.64 18.21 -5.35
CA PRO B 8 -14.27 17.93 -4.91
C PRO B 8 -13.35 17.68 -6.09
N ARG B 9 -12.10 18.10 -5.92
CA ARG B 9 -11.08 17.91 -6.93
C ARG B 9 -9.90 17.17 -6.32
N ARG B 10 -9.23 16.36 -7.13
CA ARG B 10 -8.13 15.56 -6.63
C ARG B 10 -7.05 16.49 -6.11
N GLY B 11 -6.44 16.09 -4.99
CA GLY B 11 -5.51 16.95 -4.27
C GLY B 11 -6.14 17.86 -3.25
N ASP B 12 -7.46 17.98 -3.23
CA ASP B 12 -8.09 18.81 -2.21
C ASP B 12 -8.07 18.12 -0.85
N LEU B 13 -8.07 18.94 0.19
CA LEU B 13 -8.33 18.47 1.55
C LEU B 13 -9.74 18.91 1.92
N TRP B 14 -10.57 17.92 2.27
CA TRP B 14 -11.98 18.14 2.54
C TRP B 14 -12.34 17.68 3.95
N LEU B 15 -13.35 18.32 4.51
CA LEU B 15 -13.97 17.86 5.75
C LEU B 15 -15.03 16.83 5.40
N VAL B 16 -14.92 15.64 5.99
CA VAL B 16 -15.77 14.52 5.66
C VAL B 16 -16.63 14.15 6.86
N SER B 17 -17.89 13.84 6.59
CA SER B 17 -18.88 13.45 7.59
C SER B 17 -18.90 11.93 7.71
N LEU B 18 -18.82 11.44 8.94
CA LEU B 18 -18.77 10.02 9.25
C LEU B 18 -20.03 9.61 10.01
N GLY B 19 -20.54 8.41 9.69
CA GLY B 19 -21.71 7.88 10.34
C GLY B 19 -23.03 8.48 9.89
N ALA B 20 -23.02 9.62 9.24
CA ALA B 20 -24.21 10.25 8.67
C ALA B 20 -23.75 11.20 7.58
N ALA B 21 -24.70 11.67 6.78
CA ALA B 21 -24.37 12.55 5.66
C ALA B 21 -24.88 13.97 5.90
N GLY B 27 -22.45 14.87 12.85
CA GLY B 27 -21.65 15.05 14.04
C GLY B 27 -20.15 14.86 13.86
N LYS B 28 -19.74 13.68 13.39
CA LYS B 28 -18.33 13.31 13.32
C LYS B 28 -17.72 13.77 12.00
N HIS B 29 -16.70 14.62 12.09
CA HIS B 29 -15.98 15.07 10.93
C HIS B 29 -14.50 14.76 11.06
N ARG B 30 -13.87 14.49 9.92
CA ARG B 30 -12.43 14.30 9.88
C ARG B 30 -11.95 14.77 8.52
N PRO B 31 -10.75 15.33 8.43
CA PRO B 31 -10.22 15.74 7.13
C PRO B 31 -9.67 14.57 6.35
N ALA B 32 -9.72 14.70 5.02
CA ALA B 32 -9.24 13.67 4.13
C ALA B 32 -8.81 14.29 2.82
N VAL B 33 -7.89 13.62 2.14
CA VAL B 33 -7.35 14.06 0.85
C VAL B 33 -8.07 13.31 -0.25
N VAL B 34 -8.65 14.04 -1.20
CA VAL B 34 -9.27 13.40 -2.35
C VAL B 34 -8.15 12.89 -3.25
N VAL B 35 -8.18 11.60 -3.56
CA VAL B 35 -7.14 10.98 -4.39
C VAL B 35 -7.69 10.32 -5.63
N SER B 36 -9.00 10.15 -5.77
CA SER B 36 -9.53 9.65 -7.03
C SER B 36 -9.61 10.77 -8.05
N VAL B 37 -9.53 10.39 -9.32
CA VAL B 37 -9.48 11.38 -10.38
C VAL B 37 -10.87 11.98 -10.60
N ASP B 38 -10.88 13.20 -11.14
CA ASP B 38 -12.14 13.91 -11.31
C ASP B 38 -12.93 13.43 -12.54
N GLU B 39 -12.29 12.72 -13.46
CA GLU B 39 -13.01 12.15 -14.60
C GLU B 39 -14.08 11.14 -14.16
N LEU B 40 -14.05 10.71 -12.91
CA LEU B 40 -15.05 9.78 -12.37
C LEU B 40 -16.32 10.49 -11.92
N LEU B 41 -16.28 11.80 -11.71
CA LEU B 41 -17.40 12.49 -11.08
C LEU B 41 -18.54 12.70 -12.08
N THR B 42 -19.76 12.34 -11.66
CA THR B 42 -20.94 12.54 -12.49
C THR B 42 -22.08 13.25 -11.76
N GLY B 43 -21.88 13.74 -10.55
CA GLY B 43 -22.91 14.48 -9.85
C GLY B 43 -23.93 13.67 -9.07
N ILE B 44 -23.63 12.43 -8.71
CA ILE B 44 -24.55 11.62 -7.93
C ILE B 44 -24.21 11.76 -6.45
N ASP B 45 -25.20 11.51 -5.58
CA ASP B 45 -24.96 11.68 -4.15
C ASP B 45 -24.22 10.48 -3.57
N ASP B 46 -24.59 9.27 -4.01
CA ASP B 46 -24.00 8.04 -3.51
C ASP B 46 -22.72 7.64 -4.24
N GLU B 47 -22.30 8.38 -5.27
CA GLU B 47 -21.09 7.99 -5.99
C GLU B 47 -19.88 8.05 -5.05
N LEU B 48 -18.92 7.18 -5.30
CA LEU B 48 -17.80 7.01 -4.40
C LEU B 48 -16.63 7.89 -4.84
N VAL B 49 -16.09 8.62 -3.88
CA VAL B 49 -14.88 9.42 -4.02
C VAL B 49 -13.85 8.80 -3.09
N VAL B 50 -12.68 8.47 -3.63
CA VAL B 50 -11.68 7.78 -2.83
C VAL B 50 -10.81 8.82 -2.16
N VAL B 51 -10.68 8.72 -0.83
CA VAL B 51 -9.97 9.70 -0.01
C VAL B 51 -9.02 8.96 0.93
N VAL B 52 -8.04 9.71 1.41
CA VAL B 52 -7.06 9.25 2.39
C VAL B 52 -7.28 10.06 3.67
N PRO B 53 -7.66 9.43 4.78
CA PRO B 53 -7.93 10.20 6.00
C PRO B 53 -6.67 10.89 6.49
N VAL B 54 -6.85 12.10 7.03
CA VAL B 54 -5.76 12.87 7.59
C VAL B 54 -5.93 12.88 9.10
N SER B 55 -4.87 12.53 9.81
CA SER B 55 -4.88 12.40 11.26
C SER B 55 -3.84 13.31 11.88
N SER B 56 -4.21 13.94 12.98
CA SER B 56 -3.29 14.73 13.78
C SER B 56 -2.77 13.96 14.99
N SER B 57 -3.14 12.70 15.14
CA SER B 57 -2.76 11.92 16.31
C SER B 57 -1.90 10.69 16.01
N ARG B 58 -1.90 10.18 14.78
CA ARG B 58 -1.06 9.03 14.49
C ARG B 58 0.38 9.47 14.23
N SER B 59 1.32 8.62 14.60
CA SER B 59 2.72 8.98 14.45
C SER B 59 3.11 8.97 12.98
N ARG B 60 4.14 9.74 12.67
CA ARG B 60 4.60 9.90 11.31
C ARG B 60 5.50 8.74 10.86
N THR B 61 5.26 8.27 9.63
CA THR B 61 5.99 7.17 9.00
C THR B 61 6.14 7.45 7.50
N PRO B 62 7.00 6.73 6.78
CA PRO B 62 7.09 6.96 5.32
C PRO B 62 5.77 6.77 4.59
N LEU B 63 4.91 5.87 5.06
CA LEU B 63 3.61 5.66 4.42
C LEU B 63 2.55 6.65 4.90
N ARG B 64 2.93 7.63 5.72
CA ARG B 64 2.02 8.66 6.21
C ARG B 64 2.66 10.00 5.95
N PRO B 65 2.65 10.48 4.71
CA PRO B 65 3.33 11.73 4.39
C PRO B 65 2.71 12.88 5.17
N PRO B 66 3.52 13.86 5.56
CA PRO B 66 2.99 14.94 6.41
C PRO B 66 2.11 15.89 5.63
N VAL B 67 1.16 16.50 6.34
CA VAL B 67 0.23 17.48 5.81
C VAL B 67 0.31 18.73 6.66
N ALA B 68 0.52 19.87 6.03
CA ALA B 68 0.80 21.11 6.72
C ALA B 68 -0.44 21.99 6.84
N PRO B 69 -0.49 22.88 7.83
CA PRO B 69 -1.64 23.79 7.95
C PRO B 69 -1.91 24.62 6.71
N SER B 70 -0.88 24.96 5.92
CA SER B 70 -1.10 25.63 4.64
C SER B 70 -1.91 24.77 3.67
N GLU B 71 -2.07 23.49 3.96
CA GLU B 71 -2.83 22.58 3.10
C GLU B 71 -4.21 22.30 3.65
N GLY B 72 -4.59 22.92 4.77
CA GLY B 72 -5.96 22.91 5.26
C GLY B 72 -6.14 22.38 6.66
N VAL B 73 -5.14 21.75 7.26
CA VAL B 73 -5.30 21.21 8.61
C VAL B 73 -5.08 22.31 9.64
N ALA B 74 -5.60 22.06 10.85
CA ALA B 74 -5.41 23.00 11.95
C ALA B 74 -4.07 22.80 12.65
N ALA B 75 -3.57 21.56 12.69
CA ALA B 75 -2.30 21.25 13.30
C ALA B 75 -1.54 20.28 12.41
N ASP B 76 -0.23 20.23 12.61
CA ASP B 76 0.61 19.24 11.94
C ASP B 76 -0.06 17.88 11.96
N SER B 77 -0.25 17.29 10.79
CA SER B 77 -0.97 16.03 10.66
C SER B 77 -0.24 15.16 9.64
N VAL B 78 -0.74 13.95 9.44
CA VAL B 78 -0.19 13.02 8.46
C VAL B 78 -1.33 12.43 7.65
N ALA B 79 -1.04 12.09 6.40
CA ALA B 79 -2.00 11.45 5.52
C ALA B 79 -1.86 9.94 5.65
N VAL B 80 -2.83 9.31 6.30
CA VAL B 80 -2.78 7.88 6.59
C VAL B 80 -3.18 7.09 5.35
N CYS B 81 -2.21 6.89 4.45
CA CYS B 81 -2.52 6.26 3.17
C CYS B 81 -2.99 4.82 3.32
N ARG B 82 -2.63 4.15 4.41
CA ARG B 82 -3.13 2.81 4.66
C ARG B 82 -4.63 2.79 4.84
N GLY B 83 -5.20 3.90 5.31
CA GLY B 83 -6.63 4.05 5.49
C GLY B 83 -7.40 4.50 4.26
N VAL B 84 -6.78 4.47 3.08
CA VAL B 84 -7.46 4.88 1.86
C VAL B 84 -8.81 4.17 1.75
N ARG B 85 -9.84 4.91 1.35
CA ARG B 85 -11.16 4.33 1.28
C ARG B 85 -12.05 5.15 0.37
N ALA B 86 -12.95 4.46 -0.33
CA ALA B 86 -14.01 5.12 -1.07
C ALA B 86 -15.11 5.56 -0.08
N VAL B 87 -15.57 6.80 -0.22
CA VAL B 87 -16.65 7.33 0.60
C VAL B 87 -17.71 7.92 -0.31
N ALA B 88 -18.94 7.97 0.17
CA ALA B 88 -20.01 8.58 -0.63
C ALA B 88 -19.79 10.09 -0.74
N ARG B 89 -20.07 10.63 -1.93
CA ARG B 89 -19.81 12.05 -2.18
C ARG B 89 -20.63 12.95 -1.27
N ALA B 90 -21.79 12.49 -0.83
CA ALA B 90 -22.68 13.30 0.01
C ALA B 90 -22.09 13.59 1.38
N ARG B 91 -21.03 12.90 1.77
CA ARG B 91 -20.35 13.09 3.05
C ARG B 91 -19.34 14.22 3.01
N LEU B 92 -19.14 14.84 1.86
CA LEU B 92 -18.15 15.89 1.71
C LEU B 92 -18.77 17.23 2.13
N VAL B 93 -18.23 17.84 3.19
CA VAL B 93 -18.86 18.98 3.81
C VAL B 93 -18.34 20.30 3.24
N GLU B 94 -17.04 20.54 3.38
CA GLU B 94 -16.45 21.78 2.92
C GLU B 94 -15.00 21.54 2.53
N ARG B 95 -14.56 22.24 1.50
CA ARG B 95 -13.16 22.15 1.10
C ARG B 95 -12.31 22.92 2.10
N LEU B 96 -11.31 22.24 2.67
CA LEU B 96 -10.43 22.86 3.65
C LEU B 96 -9.20 23.45 3.01
N GLY B 97 -8.74 22.87 1.90
CA GLY B 97 -7.56 23.40 1.26
C GLY B 97 -7.12 22.52 0.11
N ALA B 98 -5.90 22.75 -0.33
CA ALA B 98 -5.30 21.98 -1.40
C ALA B 98 -3.89 21.59 -0.98
N LEU B 99 -3.50 20.39 -1.37
CA LEU B 99 -2.19 19.87 -1.03
C LEU B 99 -1.18 20.32 -2.07
N LYS B 100 0.06 20.55 -1.62
CA LYS B 100 1.15 20.86 -2.54
C LYS B 100 1.43 19.64 -3.41
N PRO B 101 2.04 19.86 -4.59
CA PRO B 101 2.36 18.71 -5.46
C PRO B 101 3.31 17.71 -4.84
N ALA B 102 4.27 18.17 -4.02
CA ALA B 102 5.18 17.22 -3.38
C ALA B 102 4.41 16.30 -2.42
N THR B 103 3.43 16.86 -1.71
CA THR B 103 2.63 16.02 -0.81
C THR B 103 1.84 14.99 -1.60
N MET B 104 1.20 15.42 -2.69
CA MET B 104 0.45 14.49 -3.52
C MET B 104 1.35 13.40 -4.07
N ARG B 105 2.57 13.75 -4.48
CA ARG B 105 3.47 12.72 -4.99
C ARG B 105 3.87 11.73 -3.89
N ALA B 106 4.04 12.21 -2.66
CA ALA B 106 4.36 11.30 -1.57
C ALA B 106 3.18 10.38 -1.25
N ILE B 107 1.96 10.92 -1.30
CA ILE B 107 0.76 10.10 -1.13
C ILE B 107 0.67 9.06 -2.24
N GLU B 108 0.99 9.46 -3.48
CA GLU B 108 0.94 8.52 -4.61
C GLU B 108 1.95 7.40 -4.43
N ASN B 109 3.17 7.72 -3.98
CA ASN B 109 4.17 6.67 -3.79
C ASN B 109 3.79 5.76 -2.65
N ALA B 110 3.26 6.32 -1.56
CA ALA B 110 2.78 5.51 -0.45
C ALA B 110 1.68 4.56 -0.90
N LEU B 111 0.72 5.07 -1.67
CA LEU B 111 -0.36 4.23 -2.16
C LEU B 111 0.18 3.13 -3.07
N THR B 112 1.15 3.47 -3.92
CA THR B 112 1.71 2.46 -4.80
C THR B 112 2.34 1.33 -4.00
N LEU B 113 3.07 1.67 -2.93
CA LEU B 113 3.64 0.61 -2.10
C LEU B 113 2.57 -0.20 -1.39
N ILE B 114 1.55 0.48 -0.83
CA ILE B 114 0.54 -0.21 -0.04
C ILE B 114 -0.23 -1.22 -0.90
N LEU B 115 -0.56 -0.85 -2.13
CA LEU B 115 -1.37 -1.70 -2.99
C LEU B 115 -0.56 -2.63 -3.88
N GLY B 116 0.74 -2.74 -3.65
CA GLY B 116 1.56 -3.64 -4.44
C GLY B 116 1.58 -3.33 -5.92
N LEU B 117 1.58 -2.10 -6.26
CA LEU B 117 1.59 -1.76 -7.68
C LEU B 117 3.01 -1.74 -8.22
N PRO B 118 3.20 -2.12 -9.49
CA PRO B 118 4.52 -2.14 -10.13
C PRO B 118 5.01 -0.76 -10.54
N SER C 8 25.28 8.77 -14.47
CA SER C 8 25.53 10.19 -14.27
C SER C 8 26.70 10.40 -13.33
N THR C 9 26.53 9.96 -12.09
CA THR C 9 27.59 10.01 -11.08
C THR C 9 27.63 8.68 -10.34
N SER C 10 28.85 8.21 -10.07
CA SER C 10 29.06 6.96 -9.35
C SER C 10 30.09 7.16 -8.27
N THR C 11 29.96 6.39 -7.20
CA THR C 11 30.90 6.44 -6.08
C THR C 11 31.31 5.00 -5.74
N THR C 12 31.88 4.83 -4.56
CA THR C 12 32.45 3.54 -4.18
C THR C 12 32.17 3.26 -2.72
N ILE C 13 31.93 1.98 -2.40
CA ILE C 13 31.65 1.53 -1.05
C ILE C 13 32.65 0.45 -0.70
N ARG C 14 33.15 0.48 0.54
CA ARG C 14 34.07 -0.53 1.02
C ARG C 14 33.30 -1.72 1.58
N VAL C 15 33.68 -2.92 1.16
CA VAL C 15 33.12 -4.17 1.65
C VAL C 15 34.26 -5.11 2.02
N SER C 16 33.95 -6.11 2.82
CA SER C 16 34.86 -7.23 2.97
C SER C 16 34.94 -7.99 1.66
N THR C 17 36.13 -8.48 1.34
CA THR C 17 36.34 -9.11 0.04
C THR C 17 35.45 -10.35 -0.12
N GLN C 18 35.16 -11.05 0.98
CA GLN C 18 34.24 -12.18 0.89
C GLN C 18 32.84 -11.72 0.51
N THR C 19 32.36 -10.64 1.13
CA THR C 19 31.04 -10.12 0.76
C THR C 19 31.02 -9.64 -0.68
N ARG C 20 32.11 -9.02 -1.15
CA ARG C 20 32.16 -8.64 -2.56
C ARG C 20 32.06 -9.87 -3.45
N ASP C 21 32.71 -10.96 -3.07
CA ASP C 21 32.61 -12.17 -3.88
C ASP C 21 31.18 -12.69 -3.89
N ARG C 22 30.51 -12.68 -2.74
CA ARG C 22 29.14 -13.20 -2.69
C ARG C 22 28.19 -12.32 -3.50
N LEU C 23 28.33 -11.01 -3.40
CA LEU C 23 27.53 -10.10 -4.21
C LEU C 23 27.81 -10.28 -5.69
N ALA C 24 29.08 -10.54 -6.06
CA ALA C 24 29.42 -10.71 -7.47
C ALA C 24 28.81 -11.99 -8.02
N ALA C 25 28.87 -13.07 -7.23
CA ALA C 25 28.07 -14.24 -7.53
C ALA C 25 26.63 -13.86 -7.80
N GLN C 26 25.95 -13.26 -6.82
CA GLN C 26 24.53 -12.97 -6.97
C GLN C 26 24.27 -12.13 -8.23
N ALA C 27 25.16 -11.19 -8.53
CA ALA C 27 24.97 -10.38 -9.72
C ALA C 27 25.06 -11.22 -10.98
N ARG C 28 26.07 -12.08 -11.08
CA ARG C 28 26.22 -12.88 -12.29
C ARG C 28 25.18 -13.98 -12.40
N GLU C 29 24.63 -14.43 -11.26
CA GLU C 29 23.52 -15.37 -11.29
C GLU C 29 22.31 -14.75 -12.00
N ARG C 30 21.97 -13.52 -11.64
CA ARG C 30 20.82 -12.83 -12.23
C ARG C 30 21.14 -12.20 -13.59
N GLY C 31 22.38 -12.32 -14.06
CA GLY C 31 22.74 -11.72 -15.34
C GLY C 31 22.83 -10.22 -15.35
N ILE C 32 23.13 -9.59 -14.21
CA ILE C 32 23.13 -8.14 -14.10
C ILE C 32 24.46 -7.67 -13.51
N SER C 33 24.70 -6.37 -13.64
CA SER C 33 25.88 -5.76 -13.05
C SER C 33 25.71 -5.69 -11.53
N MET C 34 26.87 -5.60 -10.84
CA MET C 34 26.85 -5.44 -9.39
C MET C 34 26.15 -4.15 -8.98
N SER C 35 26.40 -3.07 -9.74
CA SER C 35 25.71 -1.80 -9.49
C SER C 35 24.19 -1.97 -9.53
N ALA C 36 23.69 -2.63 -10.58
CA ALA C 36 22.25 -2.87 -10.69
C ALA C 36 21.76 -3.72 -9.52
N LEU C 37 22.51 -4.76 -9.16
CA LEU C 37 22.12 -5.60 -8.04
C LEU C 37 21.96 -4.78 -6.77
N LEU C 38 22.94 -3.91 -6.48
CA LEU C 38 22.86 -3.15 -5.24
C LEU C 38 21.75 -2.10 -5.29
N THR C 39 21.40 -1.62 -6.49
CA THR C 39 20.23 -0.77 -6.60
C THR C 39 18.97 -1.54 -6.23
N GLU C 40 18.79 -2.71 -6.84
CA GLU C 40 17.64 -3.56 -6.54
C GLU C 40 17.54 -3.88 -5.05
N LEU C 41 18.66 -4.30 -4.45
CA LEU C 41 18.64 -4.69 -3.04
C LEU C 41 18.43 -3.50 -2.11
N ALA C 42 18.92 -2.32 -2.52
CA ALA C 42 18.63 -1.10 -1.77
C ALA C 42 17.13 -0.83 -1.77
N ALA C 43 16.47 -0.97 -2.93
CA ALA C 43 15.02 -0.73 -2.95
C ALA C 43 14.27 -1.76 -2.12
N GLN C 44 14.73 -3.01 -2.14
CA GLN C 44 14.09 -4.04 -1.30
C GLN C 44 14.24 -3.70 0.18
N ALA C 45 15.44 -3.30 0.60
CA ALA C 45 15.64 -2.91 1.99
C ALA C 45 14.77 -1.72 2.36
N GLU C 46 14.69 -0.73 1.48
CA GLU C 46 13.79 0.41 1.71
C GLU C 46 12.37 -0.07 1.97
N ARG C 47 11.85 -0.93 1.09
CA ARG C 47 10.48 -1.41 1.30
C ARG C 47 10.34 -2.12 2.64
N GLN C 48 11.33 -2.95 3.00
CA GLN C 48 11.26 -3.63 4.29
C GLN C 48 11.21 -2.64 5.44
N ALA C 49 12.07 -1.63 5.42
CA ALA C 49 12.10 -0.65 6.51
C ALA C 49 10.80 0.14 6.57
N ILE C 50 10.25 0.48 5.41
CA ILE C 50 9.01 1.23 5.35
C ILE C 50 7.87 0.43 5.98
N PHE C 51 7.69 -0.82 5.55
CA PHE C 51 6.60 -1.62 6.08
C PHE C 51 6.79 -1.94 7.55
N ARG C 52 8.02 -2.20 7.98
CA ARG C 52 8.27 -2.41 9.41
C ARG C 52 7.95 -1.16 10.22
N ALA C 53 8.26 0.02 9.68
CA ALA C 53 7.91 1.26 10.34
C ALA C 53 6.40 1.38 10.50
N GLU C 54 5.65 0.95 9.47
CA GLU C 54 4.19 1.01 9.60
C GLU C 54 3.69 0.04 10.65
N ARG C 55 4.15 -1.21 10.60
CA ARG C 55 3.68 -2.22 11.56
C ARG C 55 3.92 -1.75 12.98
N GLU C 56 5.16 -1.35 13.28
CA GLU C 56 5.51 -0.91 14.62
C GLU C 56 4.68 0.31 15.04
N ALA C 57 4.57 1.31 14.16
CA ALA C 57 3.76 2.49 14.48
C ALA C 57 2.32 2.11 14.81
N SER C 58 1.71 1.23 14.02
CA SER C 58 0.31 0.88 14.26
C SER C 58 0.13 0.15 15.58
N HIS C 59 1.00 -0.82 15.87
CA HIS C 59 0.88 -1.54 17.14
C HIS C 59 1.07 -0.59 18.32
N ALA C 60 2.02 0.35 18.20
CA ALA C 60 2.18 1.35 19.25
C ALA C 60 0.93 2.22 19.38
N GLU C 61 0.24 2.46 18.25
CA GLU C 61 -0.93 3.34 18.24
C GLU C 61 -2.20 2.66 18.73
N THR C 62 -2.19 1.34 18.89
CA THR C 62 -3.33 0.68 19.52
C THR C 62 -3.54 1.16 20.95
N THR C 63 -2.45 1.50 21.66
CA THR C 63 -2.58 2.02 23.02
C THR C 63 -3.21 3.40 23.02
N THR C 64 -2.87 4.23 22.04
CA THR C 64 -3.45 5.57 21.94
C THR C 64 -4.92 5.49 21.53
N GLN C 65 -5.79 5.98 22.43
CA GLN C 65 -7.24 5.84 22.22
C GLN C 65 -7.78 6.90 21.28
N ALA C 66 -7.07 8.03 21.16
CA ALA C 66 -7.43 8.99 20.14
C ALA C 66 -7.39 8.36 18.75
N VAL C 67 -6.40 7.48 18.52
CA VAL C 67 -6.32 6.74 17.27
C VAL C 67 -7.53 5.81 17.12
N ARG C 68 -7.85 5.07 18.20
CA ARG C 68 -8.97 4.13 18.15
C ARG C 68 -10.30 4.85 17.86
N ASP C 69 -10.52 5.98 18.52
CA ASP C 69 -11.69 6.81 18.23
C ASP C 69 -11.71 7.23 16.77
N GLU C 70 -10.55 7.67 16.26
CA GLU C 70 -10.48 8.13 14.88
C GLU C 70 -10.92 7.03 13.91
N ASP C 71 -10.34 5.83 14.06
CA ASP C 71 -10.64 4.76 13.10
C ASP C 71 -12.05 4.21 13.31
N ARG C 72 -12.55 4.26 14.55
CA ARG C 72 -13.95 3.90 14.79
C ARG C 72 -14.89 4.85 14.06
N GLU C 73 -14.58 6.15 14.09
CA GLU C 73 -15.38 7.12 13.35
C GLU C 73 -15.27 6.89 11.84
N TRP C 74 -14.06 6.57 11.35
CA TRP C 74 -13.91 6.33 9.91
C TRP C 74 -14.58 5.03 9.49
N GLU C 75 -14.74 4.09 10.42
CA GLU C 75 -15.36 2.81 10.08
C GLU C 75 -16.83 2.97 9.75
N GLY C 76 -17.42 4.12 10.03
CA GLY C 76 -18.82 4.32 9.65
C GLY C 76 -19.03 4.28 8.15
N THR C 77 -18.00 4.67 7.40
CA THR C 77 -18.06 4.66 5.93
C THR C 77 -17.97 3.26 5.35
N VAL C 78 -17.81 2.22 6.19
CA VAL C 78 -17.46 0.89 5.70
C VAL C 78 -18.45 0.39 4.66
N GLY C 79 -19.73 0.76 4.78
CA GLY C 79 -20.76 0.26 3.91
C GLY C 79 -21.12 1.16 2.74
N ASP C 80 -20.29 2.15 2.41
CA ASP C 80 -20.67 3.15 1.42
C ASP C 80 -20.69 2.56 0.01
N GLY C 81 -21.66 3.03 -0.79
CA GLY C 81 -21.78 2.61 -2.16
C GLY C 81 -22.24 1.19 -2.39
N LEU C 82 -22.73 0.51 -1.35
CA LEU C 82 -23.16 -0.88 -1.46
C LEU C 82 -24.68 -1.02 -1.46
N THR D 9 41.85 -7.86 3.78
CA THR D 9 40.64 -8.63 3.47
C THR D 9 39.45 -7.70 3.23
N SER D 10 39.66 -6.66 2.41
CA SER D 10 38.65 -5.64 2.22
C SER D 10 38.91 -4.92 0.89
N THR D 11 37.83 -4.61 0.17
CA THR D 11 37.92 -4.01 -1.15
C THR D 11 36.81 -2.96 -1.29
N THR D 12 36.60 -2.48 -2.51
CA THR D 12 35.59 -1.46 -2.78
C THR D 12 34.84 -1.81 -4.05
N ILE D 13 33.50 -1.85 -3.97
CA ILE D 13 32.66 -2.01 -5.15
C ILE D 13 32.09 -0.65 -5.52
N ARG D 14 31.76 -0.47 -6.80
CA ARG D 14 31.28 0.79 -7.33
C ARG D 14 29.78 0.74 -7.58
N VAL D 15 29.08 1.75 -7.04
CA VAL D 15 27.65 1.91 -7.21
C VAL D 15 27.40 3.34 -7.64
N SER D 16 26.19 3.59 -8.12
CA SER D 16 25.76 4.97 -8.32
C SER D 16 25.66 5.66 -6.97
N THR D 17 25.86 6.98 -6.97
CA THR D 17 25.79 7.75 -5.73
C THR D 17 24.40 7.70 -5.14
N GLN D 18 23.38 7.59 -5.98
CA GLN D 18 22.02 7.43 -5.47
C GLN D 18 21.88 6.13 -4.70
N THR D 19 22.35 5.02 -5.29
CA THR D 19 22.33 3.74 -4.59
C THR D 19 23.16 3.81 -3.32
N ARG D 20 24.32 4.48 -3.36
CA ARG D 20 25.13 4.61 -2.16
C ARG D 20 24.37 5.34 -1.07
N ASP D 21 23.69 6.43 -1.43
CA ASP D 21 22.96 7.20 -0.43
C ASP D 21 21.83 6.36 0.17
N ARG D 22 21.11 5.61 -0.67
CA ARG D 22 20.02 4.79 -0.17
C ARG D 22 20.56 3.69 0.75
N LEU D 23 21.65 3.04 0.35
CA LEU D 23 22.32 2.07 1.22
C LEU D 23 22.78 2.70 2.52
N ALA D 24 23.25 3.95 2.48
CA ALA D 24 23.69 4.63 3.69
C ALA D 24 22.51 4.86 4.64
N ALA D 25 21.39 5.36 4.10
CA ALA D 25 20.19 5.54 4.92
C ALA D 25 19.74 4.21 5.52
N GLN D 26 19.88 3.10 4.78
CA GLN D 26 19.46 1.83 5.33
C GLN D 26 20.43 1.34 6.41
N ALA D 27 21.73 1.58 6.20
CA ALA D 27 22.71 1.25 7.23
C ALA D 27 22.45 2.03 8.52
N ARG D 28 22.16 3.34 8.39
CA ARG D 28 21.82 4.14 9.56
C ARG D 28 20.53 3.65 10.21
N GLU D 29 19.53 3.30 9.40
CA GLU D 29 18.28 2.83 9.95
C GLU D 29 18.47 1.53 10.72
N ARG D 30 19.32 0.64 10.22
CA ARG D 30 19.59 -0.62 10.91
C ARG D 30 20.68 -0.49 11.98
N GLY D 31 21.31 0.67 12.10
CA GLY D 31 22.35 0.86 13.11
C GLY D 31 23.60 0.03 12.89
N ILE D 32 23.95 -0.23 11.62
CA ILE D 32 25.16 -0.98 11.29
C ILE D 32 25.93 -0.22 10.23
N SER D 33 27.15 -0.70 9.97
CA SER D 33 27.98 -0.13 8.92
C SER D 33 27.52 -0.61 7.56
N MET D 34 27.85 0.19 6.54
CA MET D 34 27.46 -0.17 5.18
C MET D 34 28.09 -1.48 4.74
N SER D 35 29.28 -1.80 5.25
CA SER D 35 29.89 -3.10 4.99
C SER D 35 29.02 -4.23 5.53
N ALA D 36 28.69 -4.17 6.82
CA ALA D 36 27.81 -5.17 7.42
C ALA D 36 26.47 -5.21 6.71
N LEU D 37 25.93 -4.04 6.36
CA LEU D 37 24.67 -4.00 5.63
C LEU D 37 24.77 -4.77 4.33
N LEU D 38 25.83 -4.54 3.56
CA LEU D 38 25.99 -5.24 2.29
C LEU D 38 26.17 -6.74 2.51
N THR D 39 26.74 -7.14 3.66
CA THR D 39 26.74 -8.57 3.98
C THR D 39 25.31 -9.08 4.19
N GLU D 40 24.49 -8.33 4.92
CA GLU D 40 23.11 -8.74 5.13
C GLU D 40 22.35 -8.86 3.82
N LEU D 41 22.46 -7.84 2.96
CA LEU D 41 21.76 -7.87 1.68
C LEU D 41 22.31 -8.96 0.78
N ALA D 42 23.60 -9.27 0.89
CA ALA D 42 24.15 -10.42 0.19
C ALA D 42 23.41 -11.68 0.59
N ALA D 43 23.34 -11.96 1.90
CA ALA D 43 22.58 -13.11 2.38
C ALA D 43 21.16 -13.12 1.83
N GLN D 44 20.49 -11.96 1.87
CA GLN D 44 19.12 -11.85 1.38
C GLN D 44 19.04 -12.23 -0.10
N ALA D 45 19.99 -11.74 -0.90
CA ALA D 45 20.01 -12.10 -2.32
C ALA D 45 20.18 -13.60 -2.50
N GLU D 46 21.13 -14.19 -1.77
CA GLU D 46 21.41 -15.61 -1.94
C GLU D 46 20.21 -16.48 -1.62
N ARG D 47 19.47 -16.15 -0.55
CA ARG D 47 18.33 -16.98 -0.18
C ARG D 47 17.32 -17.08 -1.33
N GLN D 48 16.97 -15.94 -1.92
CA GLN D 48 16.05 -15.98 -3.05
C GLN D 48 16.66 -16.66 -4.26
N ALA D 49 17.98 -16.57 -4.43
CA ALA D 49 18.61 -17.33 -5.52
C ALA D 49 18.52 -18.83 -5.28
N ILE D 50 18.59 -19.25 -4.02
CA ILE D 50 18.41 -20.65 -3.64
C ILE D 50 17.04 -21.13 -4.11
N PHE D 51 15.98 -20.41 -3.69
CA PHE D 51 14.64 -20.85 -4.06
C PHE D 51 14.41 -20.77 -5.57
N ARG D 52 14.90 -19.73 -6.23
CA ARG D 52 14.76 -19.66 -7.69
C ARG D 52 15.52 -20.79 -8.36
N ALA D 53 16.62 -21.23 -7.77
CA ALA D 53 17.34 -22.39 -8.30
C ALA D 53 16.45 -23.62 -8.26
N GLU D 54 15.75 -23.85 -7.14
CA GLU D 54 14.84 -24.99 -7.11
C GLU D 54 13.72 -24.85 -8.14
N ARG D 55 13.12 -23.66 -8.23
CA ARG D 55 11.98 -23.49 -9.14
C ARG D 55 12.40 -23.76 -10.57
N GLU D 56 13.57 -23.25 -10.97
CA GLU D 56 14.06 -23.48 -12.33
C GLU D 56 14.37 -24.96 -12.57
N ALA D 57 15.07 -25.60 -11.62
CA ALA D 57 15.36 -27.03 -11.78
C ALA D 57 14.07 -27.83 -11.91
N SER D 58 13.04 -27.47 -11.15
CA SER D 58 11.75 -28.15 -11.26
C SER D 58 11.15 -27.97 -12.65
N HIS D 59 11.26 -26.77 -13.23
CA HIS D 59 10.72 -26.59 -14.58
C HIS D 59 11.53 -27.40 -15.59
N ALA D 60 12.86 -27.41 -15.46
CA ALA D 60 13.68 -28.14 -16.42
C ALA D 60 13.48 -29.64 -16.32
N GLU D 61 13.06 -30.13 -15.15
CA GLU D 61 12.97 -31.56 -14.88
C GLU D 61 11.55 -32.09 -15.03
N THR D 62 10.67 -31.34 -15.68
CA THR D 62 9.28 -31.76 -15.79
C THR D 62 8.95 -32.14 -17.23
S SO4 E . -7.57 -22.25 -4.84
O1 SO4 E . -8.49 -22.94 -3.94
O2 SO4 E . -8.11 -20.94 -5.19
O3 SO4 E . -6.29 -22.07 -4.16
O4 SO4 E . -7.39 -23.03 -6.06
S SO4 F . -23.30 -4.59 -4.65
O1 SO4 F . -24.64 -4.96 -5.07
O2 SO4 F . -22.61 -3.94 -5.76
O3 SO4 F . -23.38 -3.66 -3.52
O4 SO4 F . -22.58 -5.79 -4.23
#